data_2ZYM
#
_entry.id   2ZYM
#
_cell.length_a   83.236
_cell.length_b   46.274
_cell.length_c   85.647
_cell.angle_alpha   90.00
_cell.angle_beta   94.26
_cell.angle_gamma   90.00
#
_symmetry.space_group_name_H-M   'C 1 2 1'
#
loop_
_entity.id
_entity.type
_entity.pdbx_description
1 polymer 'Solute-binding protein'
2 branched Cyclohexakis-(1-4)-(alpha-D-glucopyranose)
3 water water
#
_entity_poly.entity_id   1
_entity_poly.type   'polypeptide(L)'
_entity_poly.pdbx_seq_one_letter_code
;CGPKRDPYAKAGKSEGKPDKLVVWENADDGVQLNNTKKWAGEFTKKTGIQVEVVPVALLKQQEKLTLDGPAGKGADLVTW
PHDRLGEAVTKGLLQPIQVDNSVKNQFDDVAMKALTYGGKLYGLPKAIESVALIYNKKLMGQVPATYDELFQYAKANNKP
DEQKYGVLFEANNFYYTYFLFAAKGAAVFKEQDGTLDPNEIGLNSPEAVQGMNEVQKWFTEARLPQSLKADTVNGLFKSG
KVAAVINGPWAIKDYQAAGINVGVAPLPKIDGKDAQTFIGVKGWYLSAYSKYPKYATELMQFLTSKEALASRFKETGEIP
PQKELLNDPMIKNNPVVNGFAKQASKGVPMPSIPEMGVVWEPINNAHTFVAQGKQTPEQALNDAVKIMKEKIQTMKQ
;
_entity_poly.pdbx_strand_id   A
#
loop_
_chem_comp.id
_chem_comp.type
_chem_comp.name
_chem_comp.formula
GLC D-saccharide, alpha linking alpha-D-glucopyranose 'C6 H12 O6'
#
# COMPACT_ATOMS: atom_id res chain seq x y z
N LYS A 17 -15.93 -34.50 -10.04
CA LYS A 17 -15.59 -33.09 -10.31
C LYS A 17 -14.07 -32.88 -10.34
N PRO A 18 -13.52 -32.41 -11.47
CA PRO A 18 -12.10 -32.09 -11.56
C PRO A 18 -11.73 -30.91 -10.67
N ASP A 19 -10.52 -30.93 -10.13
CA ASP A 19 -10.07 -29.90 -9.19
C ASP A 19 -10.04 -28.51 -9.81
N LYS A 20 -10.65 -27.56 -9.10
CA LYS A 20 -10.63 -26.17 -9.50
C LYS A 20 -10.28 -25.29 -8.31
N LEU A 21 -9.41 -24.32 -8.55
CA LEU A 21 -9.09 -23.30 -7.55
C LEU A 21 -9.54 -21.93 -8.04
N VAL A 22 -9.90 -21.06 -7.10
CA VAL A 22 -10.31 -19.69 -7.41
C VAL A 22 -9.34 -18.71 -6.78
N VAL A 23 -8.88 -17.74 -7.57
CA VAL A 23 -7.92 -16.74 -7.13
C VAL A 23 -8.49 -15.34 -7.36
N TRP A 24 -8.41 -14.48 -6.34
CA TRP A 24 -8.76 -13.07 -6.52
C TRP A 24 -7.50 -12.20 -6.66
N GLU A 25 -7.40 -11.54 -7.81
CA GLU A 25 -6.32 -10.60 -8.07
C GLU A 25 -6.89 -9.19 -8.26
N ASN A 26 -6.08 -8.18 -7.96
CA ASN A 26 -6.48 -6.78 -8.12
C ASN A 26 -7.11 -6.50 -9.49
N ALA A 27 -8.24 -5.80 -9.48
CA ALA A 27 -8.99 -5.48 -10.70
C ALA A 27 -8.44 -4.25 -11.41
N ASP A 28 -7.20 -4.35 -11.88
CA ASP A 28 -6.54 -3.23 -12.57
C ASP A 28 -6.80 -3.23 -14.09
N ASP A 29 -7.60 -4.20 -14.57
CA ASP A 29 -7.88 -4.37 -16.00
C ASP A 29 -6.61 -4.24 -16.84
N GLY A 30 -5.50 -4.71 -16.27
CA GLY A 30 -4.19 -4.49 -16.87
C GLY A 30 -3.12 -5.46 -16.43
N VAL A 31 -1.96 -4.90 -16.09
CA VAL A 31 -0.73 -5.66 -15.92
C VAL A 31 -0.73 -6.68 -14.77
N GLN A 32 -1.28 -6.29 -13.63
CA GLN A 32 -1.32 -7.16 -12.46
C GLN A 32 -2.22 -8.36 -12.70
N LEU A 33 -3.43 -8.11 -13.20
CA LEU A 33 -4.38 -9.18 -13.52
C LEU A 33 -3.82 -10.12 -14.58
N ASN A 34 -3.24 -9.56 -15.63
CA ASN A 34 -2.71 -10.36 -16.73
C ASN A 34 -1.54 -11.25 -16.30
N ASN A 35 -0.64 -10.72 -15.48
CA ASN A 35 0.49 -11.50 -14.99
C ASN A 35 0.06 -12.71 -14.16
N THR A 36 -0.90 -12.49 -13.25
CA THR A 36 -1.42 -13.58 -12.42
C THR A 36 -2.16 -14.62 -13.26
N LYS A 37 -2.93 -14.15 -14.25
CA LYS A 37 -3.56 -15.05 -15.21
C LYS A 37 -2.54 -15.93 -15.95
N LYS A 38 -1.43 -15.32 -16.36
CA LYS A 38 -0.35 -16.05 -17.03
C LYS A 38 0.11 -17.21 -16.16
N TRP A 39 0.61 -16.88 -14.97
CA TRP A 39 1.24 -17.86 -14.09
C TRP A 39 0.30 -18.91 -13.52
N ALA A 40 -0.97 -18.53 -13.32
CA ALA A 40 -2.00 -19.50 -12.97
C ALA A 40 -2.19 -20.50 -14.12
N GLY A 41 -2.18 -19.97 -15.35
CA GLY A 41 -2.26 -20.80 -16.55
C GLY A 41 -1.15 -21.82 -16.63
N GLU A 42 0.05 -21.41 -16.20
CA GLU A 42 1.21 -22.30 -16.16
C GLU A 42 1.09 -23.37 -15.06
N PHE A 43 0.45 -23.01 -13.95
CA PHE A 43 0.19 -23.97 -12.87
C PHE A 43 -0.80 -25.05 -13.33
N THR A 44 -1.85 -24.63 -14.02
CA THR A 44 -2.83 -25.55 -14.59
C THR A 44 -2.18 -26.47 -15.63
N LYS A 45 -1.32 -25.89 -16.46
CA LYS A 45 -0.58 -26.62 -17.49
C LYS A 45 0.27 -27.73 -16.87
N LYS A 46 0.83 -27.44 -15.70
CA LYS A 46 1.70 -28.36 -14.98
C LYS A 46 0.93 -29.42 -14.17
N THR A 47 -0.10 -28.98 -13.46
CA THR A 47 -0.74 -29.82 -12.44
C THR A 47 -2.08 -30.43 -12.86
N GLY A 48 -2.71 -29.84 -13.86
CA GLY A 48 -4.05 -30.26 -14.29
C GLY A 48 -5.17 -29.63 -13.48
N ILE A 49 -4.82 -28.90 -12.42
CA ILE A 49 -5.81 -28.19 -11.60
C ILE A 49 -6.18 -26.89 -12.30
N GLN A 50 -7.46 -26.76 -12.65
CA GLN A 50 -7.96 -25.54 -13.26
C GLN A 50 -7.90 -24.41 -12.24
N VAL A 51 -7.48 -23.23 -12.70
CA VAL A 51 -7.41 -22.06 -11.83
C VAL A 51 -8.11 -20.89 -12.52
N GLU A 52 -9.10 -20.33 -11.83
CA GLU A 52 -9.80 -19.15 -12.32
C GLU A 52 -9.29 -17.92 -11.58
N VAL A 53 -8.74 -16.97 -12.34
CA VAL A 53 -8.29 -15.71 -11.77
C VAL A 53 -9.37 -14.66 -11.97
N VAL A 54 -9.99 -14.25 -10.87
CA VAL A 54 -11.10 -13.32 -10.89
C VAL A 54 -10.63 -11.94 -10.44
N PRO A 55 -10.86 -10.90 -11.28
CA PRO A 55 -10.49 -9.57 -10.83
C PRO A 55 -11.43 -9.03 -9.75
N VAL A 56 -10.87 -8.78 -8.57
CA VAL A 56 -11.56 -8.09 -7.48
C VAL A 56 -10.62 -7.01 -6.95
N ALA A 57 -11.12 -5.77 -6.90
CA ALA A 57 -10.34 -4.64 -6.40
C ALA A 57 -9.66 -4.97 -5.07
N LEU A 58 -8.36 -4.72 -5.00
CA LEU A 58 -7.52 -5.15 -3.87
C LEU A 58 -8.09 -4.71 -2.51
N LEU A 59 -8.57 -3.48 -2.44
CA LEU A 59 -9.08 -2.92 -1.18
C LEU A 59 -10.53 -3.30 -0.90
N LYS A 60 -11.09 -4.14 -1.76
CA LYS A 60 -12.44 -4.66 -1.58
C LYS A 60 -12.42 -6.15 -1.23
N GLN A 61 -11.27 -6.79 -1.40
CA GLN A 61 -11.15 -8.25 -1.25
C GLN A 61 -11.44 -8.78 0.15
N GLN A 62 -11.03 -8.05 1.19
CA GLN A 62 -11.23 -8.49 2.57
C GLN A 62 -12.72 -8.45 2.95
N GLU A 63 -13.37 -7.35 2.57
CA GLU A 63 -14.80 -7.20 2.81
C GLU A 63 -15.62 -8.22 2.02
N LYS A 64 -15.17 -8.53 0.80
CA LYS A 64 -15.85 -9.51 -0.03
C LYS A 64 -15.72 -10.93 0.55
N LEU A 65 -14.55 -11.25 1.09
CA LEU A 65 -14.32 -12.55 1.73
C LEU A 65 -15.09 -12.66 3.04
N THR A 66 -15.30 -11.53 3.71
CA THR A 66 -16.11 -11.46 4.93
C THR A 66 -17.52 -11.99 4.68
N LEU A 67 -18.05 -11.73 3.49
CA LEU A 67 -19.37 -12.20 3.09
C LEU A 67 -19.33 -13.55 2.36
N ASP A 68 -18.54 -13.64 1.29
CA ASP A 68 -18.48 -14.82 0.43
C ASP A 68 -17.81 -16.02 1.10
N GLY A 69 -16.85 -15.75 1.98
CA GLY A 69 -16.16 -16.79 2.75
C GLY A 69 -17.11 -17.75 3.44
N PRO A 70 -17.79 -17.29 4.51
CA PRO A 70 -18.81 -18.11 5.19
C PRO A 70 -19.91 -18.62 4.26
N ALA A 71 -20.18 -17.90 3.17
CA ALA A 71 -21.20 -18.29 2.20
C ALA A 71 -20.74 -19.45 1.30
N GLY A 72 -19.47 -19.80 1.40
CA GLY A 72 -18.89 -20.88 0.59
C GLY A 72 -18.68 -20.49 -0.86
N LYS A 73 -18.58 -19.18 -1.12
CA LYS A 73 -18.39 -18.65 -2.47
C LYS A 73 -17.05 -17.93 -2.63
N GLY A 74 -16.27 -17.91 -1.57
CA GLY A 74 -15.00 -17.18 -1.56
C GLY A 74 -13.90 -17.86 -2.35
N ALA A 75 -12.89 -17.07 -2.72
CA ALA A 75 -11.71 -17.60 -3.40
C ALA A 75 -10.85 -18.41 -2.45
N ASP A 76 -10.00 -19.25 -3.01
CA ASP A 76 -9.01 -20.01 -2.23
C ASP A 76 -7.83 -19.11 -1.87
N LEU A 77 -7.35 -18.35 -2.84
CA LEU A 77 -6.27 -17.39 -2.61
C LEU A 77 -6.77 -15.97 -2.80
N VAL A 78 -6.41 -15.12 -1.84
CA VAL A 78 -6.77 -13.71 -1.87
C VAL A 78 -5.51 -12.86 -1.62
N THR A 79 -5.65 -11.55 -1.78
CA THR A 79 -4.51 -10.64 -1.60
C THR A 79 -4.96 -9.23 -1.21
N TRP A 80 -4.25 -8.66 -0.24
CA TRP A 80 -4.40 -7.26 0.15
C TRP A 80 -3.17 -6.82 0.96
N PRO A 81 -2.97 -5.50 1.14
CA PRO A 81 -1.84 -5.02 1.93
C PRO A 81 -1.85 -5.54 3.38
N HIS A 82 -0.67 -5.80 3.90
CA HIS A 82 -0.48 -6.53 5.17
C HIS A 82 -1.09 -5.85 6.40
N ASP A 83 -1.42 -4.57 6.32
CA ASP A 83 -1.87 -3.80 7.48
C ASP A 83 -3.13 -4.37 8.15
N ARG A 84 -4.00 -4.98 7.34
CA ARG A 84 -5.23 -5.57 7.86
C ARG A 84 -5.12 -7.09 8.09
N LEU A 85 -3.89 -7.61 8.16
CA LEU A 85 -3.67 -9.04 8.39
C LEU A 85 -4.17 -9.48 9.77
N GLY A 86 -3.77 -8.77 10.82
CA GLY A 86 -4.18 -9.09 12.18
C GLY A 86 -5.69 -9.08 12.31
N GLU A 87 -6.32 -8.06 11.75
CA GLU A 87 -7.78 -7.97 11.68
C GLU A 87 -8.37 -9.20 11.01
N ALA A 88 -7.84 -9.55 9.84
CA ALA A 88 -8.31 -10.71 9.07
C ALA A 88 -8.18 -12.01 9.88
N VAL A 89 -7.05 -12.19 10.53
CA VAL A 89 -6.79 -13.39 11.34
C VAL A 89 -7.77 -13.48 12.51
N THR A 90 -7.93 -12.37 13.23
CA THR A 90 -8.88 -12.26 14.35
C THR A 90 -10.32 -12.56 13.92
N LYS A 91 -10.69 -12.11 12.71
CA LYS A 91 -12.04 -12.33 12.17
C LYS A 91 -12.24 -13.74 11.59
N GLY A 92 -11.16 -14.52 11.56
CA GLY A 92 -11.20 -15.90 11.06
C GLY A 92 -11.28 -16.03 9.55
N LEU A 93 -10.72 -15.05 8.84
CA LEU A 93 -10.74 -15.05 7.37
C LEU A 93 -9.66 -15.90 6.75
N LEU A 94 -8.51 -15.98 7.42
CA LEU A 94 -7.33 -16.63 6.86
C LEU A 94 -6.75 -17.71 7.77
N GLN A 95 -6.12 -18.70 7.15
CA GLN A 95 -5.43 -19.76 7.88
C GLN A 95 -3.93 -19.70 7.58
N PRO A 96 -3.09 -20.11 8.55
CA PRO A 96 -1.65 -20.14 8.30
C PRO A 96 -1.28 -21.09 7.16
N ILE A 97 -0.18 -20.80 6.47
CA ILE A 97 0.24 -21.58 5.31
C ILE A 97 1.39 -22.53 5.64
N GLN A 98 1.38 -23.70 5.01
CA GLN A 98 2.37 -24.74 5.32
C GLN A 98 3.34 -24.90 4.18
N VAL A 99 4.54 -24.36 4.39
CA VAL A 99 5.59 -24.35 3.38
C VAL A 99 6.92 -24.76 4.01
N ASP A 100 7.80 -25.33 3.21
CA ASP A 100 9.13 -25.71 3.67
C ASP A 100 9.97 -24.50 4.04
N ASN A 101 10.98 -24.73 4.88
CA ASN A 101 11.93 -23.69 5.29
C ASN A 101 12.64 -23.09 4.10
N SER A 102 12.89 -23.92 3.08
CA SER A 102 13.55 -23.50 1.86
C SER A 102 12.72 -22.47 1.08
N VAL A 103 11.40 -22.62 1.13
CA VAL A 103 10.48 -21.71 0.46
C VAL A 103 10.44 -20.36 1.19
N LYS A 104 10.42 -20.41 2.52
CA LYS A 104 10.46 -19.22 3.37
C LYS A 104 11.77 -18.44 3.22
N ASN A 105 12.89 -19.17 3.17
CA ASN A 105 14.22 -18.60 3.11
C ASN A 105 14.52 -17.77 1.85
N GLN A 106 13.63 -17.88 0.86
CA GLN A 106 13.81 -17.20 -0.42
C GLN A 106 13.30 -15.75 -0.42
N PHE A 107 12.52 -15.40 0.61
CA PHE A 107 11.93 -14.07 0.69
C PHE A 107 12.57 -13.19 1.76
N ASP A 108 12.50 -11.88 1.54
CA ASP A 108 13.07 -10.88 2.43
C ASP A 108 12.47 -10.94 3.85
N ASP A 109 13.31 -10.69 4.86
CA ASP A 109 12.92 -10.76 6.28
C ASP A 109 11.74 -9.84 6.62
N VAL A 110 11.87 -8.57 6.24
CA VAL A 110 10.83 -7.55 6.51
C VAL A 110 9.47 -7.93 5.91
N ALA A 111 9.49 -8.52 4.71
CA ALA A 111 8.26 -8.92 4.05
C ALA A 111 7.62 -10.13 4.73
N MET A 112 8.44 -11.07 5.17
CA MET A 112 7.94 -12.30 5.80
C MET A 112 7.32 -12.05 7.17
N LYS A 113 7.91 -11.16 7.95
CA LYS A 113 7.36 -10.85 9.28
C LYS A 113 6.10 -9.98 9.18
N ALA A 114 6.01 -9.19 8.10
CA ALA A 114 4.80 -8.40 7.79
C ALA A 114 3.60 -9.30 7.45
N LEU A 115 3.88 -10.51 6.97
CA LEU A 115 2.84 -11.49 6.67
C LEU A 115 2.72 -12.53 7.79
N THR A 116 3.39 -12.25 8.89
CA THR A 116 3.39 -13.12 10.06
C THR A 116 2.60 -12.46 11.19
N TYR A 117 1.65 -13.20 11.76
CA TYR A 117 0.88 -12.73 12.91
C TYR A 117 0.71 -13.83 13.94
N GLY A 118 0.93 -13.48 15.21
CA GLY A 118 0.82 -14.42 16.33
C GLY A 118 1.76 -15.60 16.23
N GLY A 119 2.92 -15.37 15.61
CA GLY A 119 3.92 -16.41 15.40
C GLY A 119 3.64 -17.33 14.22
N LYS A 120 2.62 -17.00 13.44
CA LYS A 120 2.21 -17.83 12.30
C LYS A 120 2.34 -17.07 10.99
N LEU A 121 2.79 -17.77 9.96
CA LEU A 121 2.94 -17.18 8.62
C LEU A 121 1.65 -17.36 7.81
N TYR A 122 1.15 -16.25 7.28
CA TYR A 122 -0.15 -16.24 6.61
C TYR A 122 -0.10 -16.05 5.09
N GLY A 123 1.09 -15.80 4.56
CA GLY A 123 1.24 -15.67 3.12
C GLY A 123 2.65 -15.64 2.61
N LEU A 124 2.77 -15.59 1.29
CA LEU A 124 4.05 -15.38 0.61
C LEU A 124 3.96 -14.06 -0.15
N PRO A 125 5.02 -13.24 -0.06
CA PRO A 125 4.94 -11.88 -0.58
C PRO A 125 5.05 -11.78 -2.09
N LYS A 126 4.34 -10.81 -2.67
CA LYS A 126 4.39 -10.54 -4.11
C LYS A 126 5.09 -9.22 -4.39
N ALA A 127 4.88 -8.26 -3.50
CA ALA A 127 5.35 -6.89 -3.70
C ALA A 127 5.62 -6.19 -2.38
N ILE A 128 6.71 -5.42 -2.37
CA ILE A 128 7.02 -4.53 -1.26
C ILE A 128 7.01 -3.09 -1.78
N GLU A 129 6.36 -2.19 -1.04
CA GLU A 129 6.06 -0.86 -1.59
C GLU A 129 6.15 0.31 -0.62
N SER A 130 6.63 1.43 -1.14
CA SER A 130 6.57 2.71 -0.46
C SER A 130 6.28 3.77 -1.52
N VAL A 131 5.51 4.79 -1.13
CA VAL A 131 5.36 5.96 -1.97
C VAL A 131 6.69 6.70 -2.05
N ALA A 132 6.91 7.42 -3.13
CA ALA A 132 8.10 8.26 -3.29
C ALA A 132 7.70 9.47 -4.11
N LEU A 133 8.66 10.30 -4.49
CA LEU A 133 8.38 11.39 -5.41
C LEU A 133 8.56 10.89 -6.83
N ILE A 134 7.45 10.78 -7.56
CA ILE A 134 7.48 10.42 -8.97
C ILE A 134 7.29 11.71 -9.75
N TYR A 135 8.27 12.05 -10.59
CA TYR A 135 8.22 13.29 -11.33
C TYR A 135 8.30 13.13 -12.84
N ASN A 136 7.77 14.12 -13.54
CA ASN A 136 7.84 14.21 -15.00
C ASN A 136 9.13 14.93 -15.36
N LYS A 137 10.09 14.18 -15.90
CA LYS A 137 11.42 14.71 -16.21
C LYS A 137 11.40 15.89 -17.19
N LYS A 138 10.35 15.98 -18.01
CA LYS A 138 10.19 17.07 -18.95
C LYS A 138 9.72 18.36 -18.28
N LEU A 139 9.08 18.21 -17.12
CA LEU A 139 8.56 19.34 -16.35
C LEU A 139 9.46 19.72 -15.18
N MET A 140 10.11 18.71 -14.60
CA MET A 140 10.96 18.90 -13.44
C MET A 140 12.35 18.32 -13.70
N GLY A 141 13.31 19.20 -13.94
CA GLY A 141 14.69 18.80 -14.23
C GLY A 141 15.41 18.28 -13.01
N GLN A 142 15.25 19.01 -11.90
CA GLN A 142 15.84 18.63 -10.62
C GLN A 142 14.78 18.69 -9.53
N VAL A 143 14.78 17.67 -8.67
CA VAL A 143 13.85 17.64 -7.53
C VAL A 143 14.17 18.74 -6.52
N PRO A 144 13.14 19.25 -5.82
CA PRO A 144 13.40 20.17 -4.71
C PRO A 144 14.20 19.49 -3.60
N ALA A 145 15.14 20.23 -3.03
CA ALA A 145 16.06 19.68 -2.03
C ALA A 145 15.38 19.40 -0.69
N THR A 146 14.35 20.17 -0.38
CA THR A 146 13.63 20.05 0.90
C THR A 146 12.11 20.04 0.67
N TYR A 147 11.38 19.64 1.71
CA TYR A 147 9.91 19.71 1.70
C TYR A 147 9.41 21.14 1.58
N ASP A 148 10.11 22.07 2.21
CA ASP A 148 9.78 23.50 2.14
C ASP A 148 9.82 23.99 0.69
N GLU A 149 10.89 23.61 -0.03
CA GLU A 149 11.03 23.91 -1.45
C GLU A 149 9.92 23.22 -2.28
N LEU A 150 9.58 21.98 -1.89
CA LEU A 150 8.52 21.23 -2.55
C LEU A 150 7.17 21.92 -2.39
N PHE A 151 6.89 22.40 -1.17
CA PHE A 151 5.62 23.07 -0.87
C PHE A 151 5.50 24.42 -1.56
N GLN A 152 6.62 25.15 -1.66
CA GLN A 152 6.69 26.43 -2.37
C GLN A 152 6.54 26.22 -3.88
N TYR A 153 7.08 25.11 -4.37
CA TYR A 153 6.93 24.72 -5.78
C TYR A 153 5.46 24.47 -6.12
N ALA A 154 4.75 23.78 -5.21
CA ALA A 154 3.31 23.54 -5.35
C ALA A 154 2.50 24.84 -5.24
N LYS A 155 2.86 25.68 -4.28
CA LYS A 155 2.16 26.95 -4.06
C LYS A 155 2.25 27.88 -5.28
N ALA A 156 3.37 27.79 -6.00
CA ALA A 156 3.62 28.65 -7.17
C ALA A 156 3.06 28.07 -8.47
N ASN A 157 2.94 26.75 -8.54
CA ASN A 157 2.60 26.09 -9.80
C ASN A 157 1.26 25.35 -9.82
N ASN A 158 0.63 25.18 -8.66
CA ASN A 158 -0.70 24.58 -8.59
C ASN A 158 -1.78 25.59 -8.99
N LYS A 159 -2.22 25.48 -10.25
CA LYS A 159 -3.24 26.37 -10.78
C LYS A 159 -4.43 25.56 -11.33
N PRO A 160 -5.37 25.18 -10.44
CA PRO A 160 -6.52 24.34 -10.79
C PRO A 160 -7.46 24.95 -11.83
N ASP A 161 -7.44 26.28 -11.96
CA ASP A 161 -8.29 26.99 -12.92
C ASP A 161 -7.76 26.89 -14.36
N GLU A 162 -6.55 26.36 -14.52
CA GLU A 162 -5.98 26.15 -15.86
C GLU A 162 -5.44 24.73 -16.06
N GLN A 163 -5.89 23.81 -15.20
CA GLN A 163 -5.51 22.38 -15.27
C GLN A 163 -3.99 22.18 -15.27
N LYS A 164 -3.32 22.80 -14.29
CA LYS A 164 -1.87 22.73 -14.16
C LYS A 164 -1.52 22.56 -12.70
N TYR A 165 -0.54 21.69 -12.42
CA TYR A 165 -0.08 21.46 -11.05
C TYR A 165 1.43 21.29 -10.99
N GLY A 166 2.01 21.80 -9.91
CA GLY A 166 3.40 21.56 -9.58
C GLY A 166 3.54 20.27 -8.79
N VAL A 167 2.71 20.12 -7.75
CA VAL A 167 2.71 18.91 -6.92
C VAL A 167 1.28 18.49 -6.59
N LEU A 168 0.96 17.23 -6.87
CA LEU A 168 -0.36 16.69 -6.58
C LEU A 168 -0.24 15.31 -5.93
N PHE A 169 -1.05 15.09 -4.90
CA PHE A 169 -1.14 13.78 -4.25
C PHE A 169 -2.41 13.68 -3.40
N GLU A 170 -2.74 12.46 -2.96
CA GLU A 170 -3.94 12.23 -2.14
C GLU A 170 -3.73 12.73 -0.71
N ALA A 171 -3.78 14.05 -0.55
CA ALA A 171 -3.53 14.68 0.75
C ALA A 171 -4.71 14.50 1.72
N ASN A 172 -5.78 13.90 1.22
CA ASN A 172 -6.94 13.54 2.02
C ASN A 172 -6.87 12.08 2.52
N ASN A 173 -5.73 11.44 2.26
CA ASN A 173 -5.54 10.02 2.55
C ASN A 173 -4.32 9.84 3.46
N PHE A 174 -4.57 9.35 4.68
CA PHE A 174 -3.53 9.16 5.69
C PHE A 174 -2.37 8.26 5.26
N TYR A 175 -2.65 7.29 4.40
CA TYR A 175 -1.59 6.45 3.85
C TYR A 175 -0.51 7.30 3.21
N TYR A 176 -0.92 8.34 2.51
CA TYR A 176 -0.01 9.23 1.78
C TYR A 176 0.58 10.33 2.65
N THR A 177 -0.22 10.82 3.60
CA THR A 177 0.16 11.97 4.43
C THR A 177 0.99 11.56 5.65
N TYR A 178 1.09 10.24 5.88
CA TYR A 178 1.81 9.72 7.04
C TYR A 178 3.15 10.41 7.31
N PHE A 179 3.94 10.65 6.27
CA PHE A 179 5.26 11.26 6.43
C PHE A 179 5.22 12.64 7.10
N LEU A 180 4.14 13.37 6.87
CA LEU A 180 3.92 14.66 7.53
C LEU A 180 3.76 14.49 9.03
N PHE A 181 3.03 13.45 9.42
CA PHE A 181 2.82 13.12 10.83
C PHE A 181 4.09 12.60 11.49
N ALA A 182 4.79 11.68 10.80
CA ALA A 182 6.04 11.11 11.30
C ALA A 182 7.14 12.15 11.51
N ALA A 183 7.16 13.15 10.63
CA ALA A 183 8.13 14.25 10.72
C ALA A 183 8.03 14.98 12.07
N LYS A 184 6.81 15.08 12.59
CA LYS A 184 6.55 15.80 13.84
C LYS A 184 6.67 14.90 15.07
N GLY A 185 6.94 13.61 14.84
CA GLY A 185 7.11 12.65 15.92
C GLY A 185 5.83 11.94 16.31
N ALA A 186 4.84 11.95 15.41
CA ALA A 186 3.58 11.24 15.64
C ALA A 186 3.69 9.78 15.23
N ALA A 187 2.94 8.93 15.91
CA ALA A 187 2.89 7.49 15.61
C ALA A 187 1.45 7.03 15.58
N VAL A 188 1.17 6.01 14.78
CA VAL A 188 -0.16 5.39 14.75
C VAL A 188 -0.46 4.74 16.11
N PHE A 189 0.46 3.89 16.56
CA PHE A 189 0.41 3.30 17.89
C PHE A 189 1.68 3.64 18.68
N LYS A 190 1.51 3.85 20.00
CA LYS A 190 2.62 4.18 20.89
C LYS A 190 3.57 3.01 21.09
N GLU A 191 4.73 3.29 21.68
CA GLU A 191 5.82 2.32 21.84
C GLU A 191 5.75 1.47 23.11
N GLN A 192 4.53 1.06 23.49
CA GLN A 192 4.33 0.17 24.65
C GLN A 192 4.97 -1.19 24.40
N ASP A 193 6.23 -1.33 24.78
CA ASP A 193 7.00 -2.57 24.67
C ASP A 193 6.84 -3.25 23.30
N GLY A 194 7.09 -2.47 22.25
CA GLY A 194 6.87 -2.92 20.88
C GLY A 194 5.49 -2.54 20.39
N THR A 195 4.55 -3.49 20.45
CA THR A 195 3.13 -3.29 20.07
C THR A 195 2.14 -4.19 20.86
N LEU A 196 2.24 -4.21 22.21
CA LEU A 196 1.43 -5.13 23.02
C LEU A 196 0.34 -4.41 23.81
N ASP A 197 -0.36 -3.48 23.16
CA ASP A 197 -1.45 -2.74 23.81
C ASP A 197 -2.41 -2.15 22.77
N PRO A 198 -3.60 -2.76 22.62
CA PRO A 198 -4.68 -2.27 21.75
C PRO A 198 -5.12 -0.82 22.01
N ASN A 199 -4.79 -0.29 23.18
CA ASN A 199 -5.18 1.08 23.53
C ASN A 199 -3.99 2.03 23.64
N GLU A 200 -3.22 2.10 22.55
CA GLU A 200 -2.06 2.98 22.47
C GLU A 200 -2.06 3.81 21.19
N ILE A 201 -3.25 4.18 20.73
CA ILE A 201 -3.40 5.05 19.56
C ILE A 201 -2.82 6.44 19.86
N GLY A 202 -1.94 6.91 18.97
CA GLY A 202 -1.29 8.20 19.13
C GLY A 202 -1.70 9.24 18.11
N LEU A 203 -2.82 9.01 17.44
CA LEU A 203 -3.24 9.85 16.31
C LEU A 203 -3.91 11.19 16.69
N ASN A 204 -4.09 11.44 17.98
CA ASN A 204 -4.53 12.77 18.43
C ASN A 204 -3.55 13.44 19.41
N SER A 205 -2.30 12.99 19.37
CA SER A 205 -1.23 13.62 20.14
C SER A 205 -0.94 15.02 19.58
N PRO A 206 -0.37 15.92 20.41
CA PRO A 206 0.03 17.24 19.95
C PRO A 206 0.86 17.21 18.65
N GLU A 207 1.79 16.25 18.55
CA GLU A 207 2.58 16.08 17.34
C GLU A 207 1.74 15.69 16.13
N ALA A 208 0.75 14.82 16.34
CA ALA A 208 -0.17 14.42 15.28
C ALA A 208 -0.97 15.61 14.75
N VAL A 209 -1.35 16.51 15.66
CA VAL A 209 -2.04 17.75 15.27
C VAL A 209 -1.12 18.64 14.42
N GLN A 210 0.16 18.66 14.76
CA GLN A 210 1.17 19.38 13.98
C GLN A 210 1.23 18.82 12.55
N GLY A 211 1.14 17.49 12.42
CA GLY A 211 1.11 16.83 11.12
C GLY A 211 -0.13 17.20 10.32
N MET A 212 -1.29 17.17 10.97
CA MET A 212 -2.55 17.48 10.32
C MET A 212 -2.62 18.95 9.89
N ASN A 213 -1.95 19.82 10.63
CA ASN A 213 -1.83 21.22 10.25
C ASN A 213 -1.09 21.39 8.92
N GLU A 214 -0.09 20.53 8.70
CA GLU A 214 0.64 20.50 7.43
C GLU A 214 -0.25 20.06 6.28
N VAL A 215 -1.11 19.08 6.54
CA VAL A 215 -2.11 18.62 5.58
C VAL A 215 -3.05 19.77 5.19
N GLN A 216 -3.55 20.49 6.19
CA GLN A 216 -4.46 21.61 5.97
C GLN A 216 -3.91 22.63 4.97
N LYS A 217 -2.62 22.93 5.11
CA LYS A 217 -1.92 23.90 4.26
C LYS A 217 -1.99 23.55 2.78
N TRP A 218 -1.95 22.26 2.45
CA TRP A 218 -2.03 21.80 1.06
C TRP A 218 -3.34 22.17 0.37
N PHE A 219 -4.40 22.31 1.17
CA PHE A 219 -5.71 22.66 0.64
C PHE A 219 -5.98 24.16 0.69
N THR A 220 -5.41 24.83 1.69
CA THR A 220 -5.62 26.26 1.89
C THR A 220 -4.61 27.11 1.10
N GLU A 221 -3.39 26.61 0.96
CA GLU A 221 -2.31 27.36 0.33
C GLU A 221 -1.82 26.78 -0.99
N ALA A 222 -1.90 25.47 -1.14
CA ALA A 222 -1.49 24.80 -2.37
C ALA A 222 -2.69 24.40 -3.24
N ARG A 223 -3.87 24.90 -2.85
CA ARG A 223 -5.13 24.70 -3.56
C ARG A 223 -5.33 23.33 -4.24
N LEU A 224 -5.13 22.27 -3.46
CA LEU A 224 -5.40 20.91 -3.93
C LEU A 224 -6.91 20.67 -3.93
N PRO A 225 -7.42 19.97 -4.97
CA PRO A 225 -8.85 19.70 -5.09
C PRO A 225 -9.42 18.95 -3.90
N GLN A 226 -10.68 19.23 -3.58
CA GLN A 226 -11.40 18.54 -2.52
C GLN A 226 -11.85 17.17 -3.03
N SER A 227 -11.98 16.21 -2.12
CA SER A 227 -12.34 14.82 -2.44
C SER A 227 -11.48 14.20 -3.55
N LEU A 228 -10.17 14.30 -3.38
CA LEU A 228 -9.24 13.67 -4.31
C LEU A 228 -9.32 12.16 -4.23
N LYS A 229 -8.98 11.51 -5.34
CA LYS A 229 -8.90 10.06 -5.42
C LYS A 229 -7.80 9.66 -6.40
N ALA A 230 -7.40 8.40 -6.35
CA ALA A 230 -6.31 7.89 -7.19
C ALA A 230 -6.47 8.27 -8.67
N ASP A 231 -7.67 8.05 -9.21
CA ASP A 231 -7.97 8.36 -10.62
C ASP A 231 -7.64 9.81 -11.01
N THR A 232 -7.96 10.74 -10.12
CA THR A 232 -7.74 12.16 -10.37
C THR A 232 -6.24 12.50 -10.40
N VAL A 233 -5.49 11.99 -9.43
CA VAL A 233 -4.04 12.19 -9.35
C VAL A 233 -3.34 11.56 -10.56
N ASN A 234 -3.63 10.28 -10.81
CA ASN A 234 -3.05 9.53 -11.91
C ASN A 234 -3.40 10.08 -13.29
N GLY A 235 -4.68 10.42 -13.49
CA GLY A 235 -5.16 10.95 -14.77
C GLY A 235 -4.49 12.27 -15.15
N LEU A 236 -4.28 13.13 -14.15
CA LEU A 236 -3.67 14.43 -14.37
C LEU A 236 -2.17 14.34 -14.61
N PHE A 237 -1.50 13.43 -13.90
CA PHE A 237 -0.09 13.19 -14.14
C PHE A 237 0.13 12.59 -15.52
N LYS A 238 -0.73 11.62 -15.89
CA LYS A 238 -0.66 10.95 -17.19
C LYS A 238 -0.90 11.90 -18.37
N SER A 239 -1.69 12.94 -18.13
CA SER A 239 -2.00 13.93 -19.17
C SER A 239 -0.89 14.98 -19.33
N GLY A 240 0.16 14.86 -18.53
CA GLY A 240 1.31 15.75 -18.60
C GLY A 240 1.12 17.10 -17.91
N LYS A 241 0.11 17.17 -17.05
CA LYS A 241 -0.29 18.43 -16.42
C LYS A 241 0.37 18.65 -15.05
N VAL A 242 0.94 17.58 -14.49
CA VAL A 242 1.51 17.61 -13.14
C VAL A 242 3.00 17.31 -13.16
N ALA A 243 3.79 18.18 -12.55
CA ALA A 243 5.24 18.01 -12.51
C ALA A 243 5.68 16.85 -11.62
N ALA A 244 5.03 16.72 -10.45
CA ALA A 244 5.40 15.69 -9.50
C ALA A 244 4.23 15.18 -8.67
N VAL A 245 4.23 13.88 -8.39
CA VAL A 245 3.26 13.29 -7.46
C VAL A 245 3.97 12.51 -6.36
N ILE A 246 3.26 12.31 -5.24
CA ILE A 246 3.68 11.36 -4.22
C ILE A 246 2.83 10.11 -4.42
N ASN A 247 3.46 9.06 -4.97
CA ASN A 247 2.75 7.83 -5.32
C ASN A 247 3.68 6.62 -5.25
N GLY A 248 3.11 5.42 -5.43
CA GLY A 248 3.86 4.18 -5.28
C GLY A 248 4.20 3.47 -6.57
N PRO A 249 4.94 2.35 -6.47
CA PRO A 249 5.42 1.59 -7.63
C PRO A 249 4.32 1.08 -8.57
N TRP A 250 3.10 0.95 -8.04
CA TRP A 250 1.96 0.46 -8.81
C TRP A 250 1.61 1.32 -10.03
N ALA A 251 1.96 2.59 -9.99
CA ALA A 251 1.58 3.54 -11.04
C ALA A 251 2.59 3.70 -12.18
N ILE A 252 3.74 3.06 -12.06
CA ILE A 252 4.86 3.29 -12.98
C ILE A 252 4.53 2.89 -14.42
N LYS A 253 4.08 1.65 -14.62
CA LYS A 253 3.77 1.14 -15.96
C LYS A 253 2.73 2.00 -16.67
N ASP A 254 1.71 2.43 -15.92
CA ASP A 254 0.64 3.28 -16.42
C ASP A 254 1.17 4.64 -16.89
N TYR A 255 2.03 5.25 -16.08
CA TYR A 255 2.68 6.52 -16.39
C TYR A 255 3.57 6.41 -17.63
N GLN A 256 4.34 5.32 -17.71
CA GLN A 256 5.25 5.08 -18.84
C GLN A 256 4.51 4.81 -20.14
N ALA A 257 3.36 4.15 -20.04
CA ALA A 257 2.51 3.89 -21.21
C ALA A 257 1.74 5.13 -21.64
N ALA A 258 1.72 6.15 -20.78
CA ALA A 258 1.14 7.45 -21.11
C ALA A 258 2.20 8.42 -21.65
N GLY A 259 3.38 7.88 -21.92
CA GLY A 259 4.46 8.65 -22.55
C GLY A 259 5.27 9.57 -21.65
N ILE A 260 5.11 9.41 -20.34
CA ILE A 260 5.88 10.23 -19.39
C ILE A 260 7.28 9.65 -19.20
N ASN A 261 8.28 10.52 -19.32
CA ASN A 261 9.64 10.19 -18.95
C ASN A 261 9.71 10.31 -17.42
N VAL A 262 9.59 9.18 -16.74
CA VAL A 262 9.41 9.18 -15.28
C VAL A 262 10.72 9.14 -14.49
N GLY A 263 10.82 10.04 -13.52
CA GLY A 263 11.89 10.00 -12.53
C GLY A 263 11.28 9.59 -11.20
N VAL A 264 12.08 8.91 -10.38
CA VAL A 264 11.65 8.54 -9.03
C VAL A 264 12.74 8.93 -8.04
N ALA A 265 12.36 9.73 -7.05
CA ALA A 265 13.29 10.15 -5.99
C ALA A 265 12.64 9.97 -4.63
N PRO A 266 13.45 9.71 -3.58
CA PRO A 266 12.90 9.76 -2.23
C PRO A 266 12.29 11.13 -1.96
N LEU A 267 11.26 11.17 -1.11
CA LEU A 267 10.65 12.44 -0.74
C LEU A 267 11.71 13.38 -0.17
N PRO A 268 11.76 14.63 -0.66
CA PRO A 268 12.68 15.63 -0.13
C PRO A 268 12.64 15.69 1.40
N LYS A 269 13.80 15.83 2.01
CA LYS A 269 13.91 15.85 3.48
C LYS A 269 12.96 16.86 4.12
N ILE A 270 12.28 16.40 5.16
CA ILE A 270 11.29 17.20 5.87
C ILE A 270 11.83 17.52 7.26
N ASP A 271 11.82 18.80 7.62
CA ASP A 271 12.44 19.29 8.87
C ASP A 271 13.88 18.81 9.01
N GLY A 272 14.60 18.75 7.88
CA GLY A 272 16.00 18.39 7.85
C GLY A 272 16.33 16.90 7.87
N LYS A 273 15.31 16.06 8.03
CA LYS A 273 15.51 14.62 8.16
C LYS A 273 14.77 13.82 7.09
N ASP A 274 15.19 12.58 6.89
CA ASP A 274 14.57 11.66 5.94
C ASP A 274 13.08 11.53 6.21
N ALA A 275 12.29 11.55 5.14
CA ALA A 275 10.85 11.34 5.25
C ALA A 275 10.58 9.89 5.62
N GLN A 276 9.68 9.68 6.56
CA GLN A 276 9.29 8.34 6.97
C GLN A 276 7.92 8.00 6.40
N THR A 277 7.92 7.19 5.36
CA THR A 277 6.71 6.71 4.72
C THR A 277 6.33 5.36 5.29
N PHE A 278 5.10 4.94 5.01
CA PHE A 278 4.68 3.58 5.29
C PHE A 278 5.35 2.62 4.30
N ILE A 279 5.62 1.41 4.77
CA ILE A 279 6.02 0.32 3.89
C ILE A 279 4.85 -0.65 3.84
N GLY A 280 4.46 -1.01 2.63
CA GLY A 280 3.41 -1.99 2.42
C GLY A 280 3.95 -3.28 1.85
N VAL A 281 3.41 -4.40 2.30
CA VAL A 281 3.73 -5.69 1.74
C VAL A 281 2.41 -6.33 1.29
N LYS A 282 2.36 -6.71 0.01
CA LYS A 282 1.21 -7.40 -0.52
C LYS A 282 1.59 -8.85 -0.77
N GLY A 283 0.88 -9.76 -0.10
CA GLY A 283 1.13 -11.18 -0.26
C GLY A 283 -0.11 -11.91 -0.72
N TRP A 284 0.06 -13.18 -1.09
CA TRP A 284 -1.07 -14.09 -1.29
C TRP A 284 -1.42 -14.68 0.06
N TYR A 285 -2.71 -14.72 0.37
CA TYR A 285 -3.17 -15.37 1.60
C TYR A 285 -4.11 -16.53 1.30
N LEU A 286 -4.21 -17.46 2.24
CA LEU A 286 -5.07 -18.63 2.09
C LEU A 286 -6.33 -18.47 2.94
N SER A 287 -7.48 -18.46 2.28
CA SER A 287 -8.77 -18.35 2.96
C SER A 287 -8.99 -19.49 3.94
N ALA A 288 -9.49 -19.15 5.12
CA ALA A 288 -9.83 -20.15 6.14
C ALA A 288 -10.99 -21.05 5.68
N TYR A 289 -11.68 -20.62 4.62
CA TYR A 289 -12.85 -21.32 4.09
C TYR A 289 -12.52 -22.21 2.90
N SER A 290 -11.25 -22.20 2.48
CA SER A 290 -10.80 -22.99 1.34
C SER A 290 -11.06 -24.48 1.55
N LYS A 291 -11.67 -25.11 0.55
CA LYS A 291 -11.92 -26.55 0.57
C LYS A 291 -10.70 -27.32 0.11
N TYR A 292 -9.70 -26.60 -0.39
CA TYR A 292 -8.49 -27.22 -0.95
C TYR A 292 -7.20 -26.50 -0.51
N PRO A 293 -6.92 -26.47 0.81
CA PRO A 293 -5.77 -25.73 1.32
C PRO A 293 -4.41 -26.26 0.85
N LYS A 294 -4.32 -27.57 0.63
CA LYS A 294 -3.11 -28.19 0.12
C LYS A 294 -2.79 -27.70 -1.30
N TYR A 295 -3.77 -27.79 -2.20
CA TYR A 295 -3.59 -27.38 -3.59
C TYR A 295 -3.38 -25.87 -3.74
N ALA A 296 -4.14 -25.10 -2.98
CA ALA A 296 -4.04 -23.63 -3.00
C ALA A 296 -2.67 -23.14 -2.55
N THR A 297 -2.14 -23.76 -1.49
CA THR A 297 -0.79 -23.43 -0.99
C THR A 297 0.28 -23.76 -2.04
N GLU A 298 0.09 -24.87 -2.76
CA GLU A 298 0.98 -25.23 -3.87
C GLU A 298 0.93 -24.17 -4.98
N LEU A 299 -0.27 -23.68 -5.28
CA LEU A 299 -0.45 -22.61 -6.26
C LEU A 299 0.24 -21.33 -5.79
N MET A 300 0.10 -21.02 -4.50
CA MET A 300 0.73 -19.84 -3.91
C MET A 300 2.26 -19.90 -4.06
N GLN A 301 2.84 -21.07 -3.81
CA GLN A 301 4.26 -21.29 -3.99
C GLN A 301 4.66 -21.08 -5.45
N PHE A 302 3.87 -21.65 -6.36
CA PHE A 302 4.10 -21.53 -7.80
C PHE A 302 4.05 -20.08 -8.26
N LEU A 303 3.08 -19.32 -7.74
CA LEU A 303 2.91 -17.91 -8.10
C LEU A 303 4.01 -16.99 -7.55
N THR A 304 4.79 -17.49 -6.57
CA THR A 304 5.79 -16.65 -5.91
C THR A 304 7.22 -17.18 -6.04
N SER A 305 7.43 -18.09 -6.99
CA SER A 305 8.77 -18.57 -7.32
C SER A 305 9.63 -17.43 -7.86
N LYS A 306 10.95 -17.63 -7.86
CA LYS A 306 11.87 -16.64 -8.41
C LYS A 306 11.48 -16.28 -9.84
N GLU A 307 11.20 -17.31 -10.64
CA GLU A 307 10.82 -17.16 -12.05
C GLU A 307 9.50 -16.41 -12.21
N ALA A 308 8.54 -16.73 -11.35
CA ALA A 308 7.22 -16.09 -11.38
C ALA A 308 7.29 -14.61 -11.01
N LEU A 309 8.05 -14.30 -9.96
CA LEU A 309 8.13 -12.92 -9.46
C LEU A 309 9.05 -12.03 -10.29
N ALA A 310 10.02 -12.63 -10.97
CA ALA A 310 10.88 -11.89 -11.91
C ALA A 310 10.04 -11.44 -13.11
N SER A 311 9.15 -12.31 -13.56
CA SER A 311 8.19 -11.99 -14.62
C SER A 311 7.20 -10.93 -14.14
N ARG A 312 6.72 -11.10 -12.89
CA ARG A 312 5.75 -10.17 -12.32
C ARG A 312 6.31 -8.75 -12.27
N PHE A 313 7.56 -8.62 -11.87
CA PHE A 313 8.21 -7.31 -11.87
C PHE A 313 8.27 -6.72 -13.27
N LYS A 314 8.71 -7.54 -14.23
CA LYS A 314 8.87 -7.08 -15.61
C LYS A 314 7.57 -6.50 -16.18
N GLU A 315 6.45 -7.13 -15.84
CA GLU A 315 5.14 -6.74 -16.36
C GLU A 315 4.44 -5.68 -15.52
N THR A 316 4.43 -5.86 -14.19
CA THR A 316 3.65 -4.99 -13.29
C THR A 316 4.46 -3.79 -12.79
N GLY A 317 5.77 -3.94 -12.74
CA GLY A 317 6.65 -2.90 -12.20
C GLY A 317 6.74 -2.94 -10.69
N GLU A 318 6.05 -3.91 -10.09
CA GLU A 318 5.99 -4.03 -8.63
C GLU A 318 7.16 -4.84 -8.10
N ILE A 319 7.84 -4.29 -7.11
CA ILE A 319 9.10 -4.82 -6.58
C ILE A 319 8.86 -6.07 -5.71
N PRO A 320 9.37 -7.23 -6.17
CA PRO A 320 9.17 -8.46 -5.41
C PRO A 320 10.18 -8.59 -4.26
N PRO A 321 9.68 -8.80 -3.02
CA PRO A 321 10.57 -8.92 -1.87
C PRO A 321 11.14 -10.34 -1.78
N GLN A 322 11.71 -10.78 -2.89
CA GLN A 322 12.38 -12.06 -3.00
C GLN A 322 13.88 -11.75 -2.95
N LYS A 323 14.57 -12.44 -2.05
CA LYS A 323 15.96 -12.15 -1.72
C LYS A 323 16.88 -12.01 -2.94
N GLU A 324 16.91 -13.03 -3.79
CA GLU A 324 17.75 -13.02 -5.00
C GLU A 324 17.31 -11.96 -6.02
N LEU A 325 16.01 -11.73 -6.12
CA LEU A 325 15.47 -10.74 -7.06
C LEU A 325 15.74 -9.29 -6.66
N LEU A 326 15.76 -9.03 -5.35
CA LEU A 326 16.06 -7.70 -4.83
C LEU A 326 17.49 -7.28 -5.13
N ASN A 327 18.37 -8.28 -5.30
CA ASN A 327 19.77 -8.03 -5.63
C ASN A 327 20.11 -8.30 -7.10
N ASP A 328 19.09 -8.63 -7.88
CA ASP A 328 19.21 -8.74 -9.34
C ASP A 328 19.41 -7.34 -9.89
N PRO A 329 20.57 -7.10 -10.54
CA PRO A 329 20.92 -5.77 -11.06
C PRO A 329 19.88 -5.23 -12.05
N MET A 330 19.18 -6.16 -12.72
CA MET A 330 18.07 -5.85 -13.63
C MET A 330 16.94 -5.13 -12.89
N ILE A 331 16.79 -5.43 -11.60
CA ILE A 331 15.74 -4.83 -10.77
C ILE A 331 16.34 -3.79 -9.83
N LYS A 332 17.40 -4.17 -9.11
CA LYS A 332 18.02 -3.30 -8.11
C LYS A 332 18.49 -1.96 -8.67
N ASN A 333 19.18 -2.01 -9.81
CA ASN A 333 19.78 -0.81 -10.39
C ASN A 333 18.90 -0.11 -11.44
N ASN A 334 17.67 -0.59 -11.58
CA ASN A 334 16.66 0.09 -12.41
C ASN A 334 16.36 1.45 -11.78
N PRO A 335 16.64 2.54 -12.52
CA PRO A 335 16.51 3.92 -12.01
C PRO A 335 15.15 4.21 -11.36
N VAL A 336 14.09 3.60 -11.90
CA VAL A 336 12.76 3.72 -11.34
C VAL A 336 12.67 3.03 -9.98
N VAL A 337 13.16 1.79 -9.91
CA VAL A 337 13.13 0.98 -8.68
C VAL A 337 14.00 1.58 -7.58
N ASN A 338 15.21 1.99 -7.93
CA ASN A 338 16.18 2.58 -7.01
C ASN A 338 15.58 3.67 -6.10
N GLY A 339 14.81 4.58 -6.68
CA GLY A 339 14.16 5.65 -5.93
C GLY A 339 13.21 5.14 -4.87
N PHE A 340 12.41 4.14 -5.22
CA PHE A 340 11.47 3.50 -4.28
C PHE A 340 12.18 2.75 -3.17
N ALA A 341 13.25 2.04 -3.51
CA ALA A 341 14.05 1.31 -2.51
C ALA A 341 14.66 2.27 -1.49
N LYS A 342 15.20 3.38 -1.97
CA LYS A 342 15.74 4.45 -1.13
C LYS A 342 14.73 4.95 -0.10
N GLN A 343 13.55 5.34 -0.56
CA GLN A 343 12.49 5.84 0.32
C GLN A 343 12.04 4.76 1.31
N ALA A 344 11.84 3.53 0.81
CA ALA A 344 11.45 2.40 1.65
C ALA A 344 12.45 2.12 2.77
N SER A 345 13.74 2.33 2.49
CA SER A 345 14.80 2.10 3.47
C SER A 345 14.69 3.02 4.69
N LYS A 346 14.03 4.16 4.51
CA LYS A 346 13.82 5.13 5.59
C LYS A 346 12.42 5.02 6.19
N GLY A 347 11.61 4.10 5.66
CA GLY A 347 10.22 3.97 6.08
C GLY A 347 10.00 2.93 7.16
N VAL A 348 8.74 2.79 7.56
CA VAL A 348 8.32 1.80 8.55
C VAL A 348 7.17 0.96 8.00
N PRO A 349 7.17 -0.35 8.30
CA PRO A 349 6.02 -1.15 7.88
C PRO A 349 4.76 -0.65 8.57
N MET A 350 3.64 -0.65 7.85
CA MET A 350 2.36 -0.31 8.46
C MET A 350 2.09 -1.26 9.61
N PRO A 351 1.47 -0.77 10.70
CA PRO A 351 1.05 -1.69 11.76
C PRO A 351 0.13 -2.78 11.21
N SER A 352 0.20 -3.97 11.77
CA SER A 352 -0.64 -5.06 11.29
C SER A 352 -1.43 -5.71 12.42
N ILE A 353 -1.40 -5.08 13.59
CA ILE A 353 -2.21 -5.53 14.72
C ILE A 353 -3.69 -5.32 14.41
N PRO A 354 -4.58 -6.15 15.00
CA PRO A 354 -6.02 -6.12 14.72
C PRO A 354 -6.66 -4.73 14.73
N GLU A 355 -6.22 -3.86 15.65
CA GLU A 355 -6.82 -2.52 15.81
C GLU A 355 -6.54 -1.57 14.64
N MET A 356 -5.63 -1.96 13.74
CA MET A 356 -5.41 -1.22 12.50
C MET A 356 -6.68 -1.21 11.65
N GLY A 357 -7.50 -2.24 11.83
CA GLY A 357 -8.79 -2.35 11.15
C GLY A 357 -9.86 -1.37 11.63
N VAL A 358 -9.50 -0.50 12.56
CA VAL A 358 -10.40 0.54 13.03
C VAL A 358 -9.86 1.94 12.72
N VAL A 359 -8.61 1.99 12.25
CA VAL A 359 -7.87 3.23 12.07
C VAL A 359 -8.28 4.01 10.81
N TRP A 360 -8.35 3.32 9.67
CA TRP A 360 -8.37 3.98 8.36
C TRP A 360 -9.57 4.88 8.09
N GLU A 361 -10.78 4.39 8.35
CA GLU A 361 -12.00 5.16 8.06
C GLU A 361 -12.07 6.48 8.86
N PRO A 362 -11.95 6.41 10.21
CA PRO A 362 -11.95 7.65 11.00
C PRO A 362 -10.84 8.63 10.62
N ILE A 363 -9.62 8.14 10.44
CA ILE A 363 -8.50 9.04 10.15
C ILE A 363 -8.63 9.71 8.78
N ASN A 364 -9.09 8.94 7.79
CA ASN A 364 -9.37 9.49 6.45
C ASN A 364 -10.56 10.46 6.47
N ASN A 365 -11.57 10.13 7.26
CA ASN A 365 -12.69 11.05 7.50
C ASN A 365 -12.22 12.38 8.10
N ALA A 366 -11.26 12.28 9.02
CA ALA A 366 -10.65 13.44 9.66
C ALA A 366 -9.94 14.34 8.64
N HIS A 367 -9.21 13.72 7.71
CA HIS A 367 -8.57 14.44 6.61
C HIS A 367 -9.60 15.17 5.74
N THR A 368 -10.74 14.53 5.48
CA THR A 368 -11.82 15.13 4.69
C THR A 368 -12.39 16.37 5.37
N PHE A 369 -12.68 16.26 6.66
CA PHE A 369 -13.22 17.38 7.44
C PHE A 369 -12.29 18.60 7.44
N VAL A 370 -10.99 18.37 7.57
CA VAL A 370 -10.01 19.47 7.56
C VAL A 370 -9.84 20.06 6.17
N ALA A 371 -9.81 19.19 5.15
CA ALA A 371 -9.67 19.62 3.76
C ALA A 371 -10.82 20.52 3.30
N GLN A 372 -12.03 20.19 3.74
CA GLN A 372 -13.23 20.96 3.42
C GLN A 372 -13.40 22.24 4.24
N GLY A 373 -12.53 22.41 5.24
CA GLY A 373 -12.59 23.57 6.13
C GLY A 373 -13.75 23.49 7.12
N LYS A 374 -14.16 22.27 7.44
CA LYS A 374 -15.33 22.04 8.30
C LYS A 374 -14.94 21.85 9.77
N GLN A 375 -13.82 21.15 9.99
CA GLN A 375 -13.29 20.93 11.33
C GLN A 375 -11.79 21.23 11.36
N THR A 376 -11.30 21.68 12.51
CA THR A 376 -9.87 21.95 12.68
C THR A 376 -9.08 20.65 12.79
N PRO A 377 -7.76 20.69 12.54
CA PRO A 377 -6.89 19.54 12.80
C PRO A 377 -7.15 18.90 14.16
N GLU A 378 -7.16 19.72 15.22
CA GLU A 378 -7.34 19.22 16.58
C GLU A 378 -8.67 18.52 16.77
N GLN A 379 -9.75 19.19 16.38
CA GLN A 379 -11.09 18.63 16.55
C GLN A 379 -11.27 17.35 15.75
N ALA A 380 -10.82 17.36 14.49
CA ALA A 380 -10.94 16.21 13.61
C ALA A 380 -10.21 14.99 14.15
N LEU A 381 -8.99 15.20 14.66
CA LEU A 381 -8.18 14.11 15.21
C LEU A 381 -8.72 13.60 16.54
N ASN A 382 -9.21 14.51 17.39
CA ASN A 382 -9.81 14.11 18.66
C ASN A 382 -11.05 13.25 18.46
N ASP A 383 -11.91 13.67 17.52
CA ASP A 383 -13.13 12.93 17.19
C ASP A 383 -12.78 11.55 16.62
N ALA A 384 -11.77 11.51 15.75
CA ALA A 384 -11.36 10.29 15.07
C ALA A 384 -10.90 9.22 16.05
N VAL A 385 -10.03 9.60 16.99
CA VAL A 385 -9.46 8.68 17.98
C VAL A 385 -10.51 8.16 18.96
N LYS A 386 -11.47 9.02 19.34
CA LYS A 386 -12.59 8.60 20.19
C LYS A 386 -13.39 7.49 19.51
N ILE A 387 -13.68 7.68 18.22
CA ILE A 387 -14.36 6.70 17.39
C ILE A 387 -13.56 5.39 17.32
N MET A 388 -12.26 5.50 17.08
CA MET A 388 -11.36 4.35 17.03
C MET A 388 -11.43 3.53 18.32
N LYS A 389 -11.28 4.21 19.46
CA LYS A 389 -11.29 3.56 20.76
C LYS A 389 -12.60 2.84 21.04
N GLU A 390 -13.72 3.49 20.72
CA GLU A 390 -15.06 2.94 20.92
C GLU A 390 -15.26 1.67 20.09
N LYS A 391 -14.81 1.70 18.83
CA LYS A 391 -14.93 0.56 17.91
C LYS A 391 -14.07 -0.62 18.33
N ILE A 392 -12.90 -0.36 18.93
CA ILE A 392 -12.04 -1.41 19.47
C ILE A 392 -12.77 -2.19 20.57
N GLN A 393 -13.64 -1.50 21.32
CA GLN A 393 -14.46 -2.14 22.35
C GLN A 393 -15.67 -2.89 21.78
N THR A 394 -15.68 -3.10 20.46
CA THR A 394 -16.70 -3.91 19.79
C THR A 394 -16.04 -4.97 18.90
N MET A 395 -14.73 -5.14 19.05
CA MET A 395 -13.93 -6.04 18.22
C MET A 395 -13.75 -7.43 18.82
N LYS A 396 -12.81 -8.17 18.21
CA LYS A 396 -12.34 -9.52 18.58
C LYS A 396 -13.33 -10.68 18.75
N GLN A 397 -12.94 -11.69 19.54
CA GLN A 397 -13.77 -12.86 19.82
C GLN A 397 -14.86 -12.52 20.84
C1 GLC B . -5.92 0.48 -6.15
C2 GLC B . -5.18 -0.82 -5.80
C3 GLC B . -4.47 -0.59 -4.46
C4 GLC B . -3.47 0.58 -4.51
C5 GLC B . -4.20 1.86 -5.04
C6 GLC B . -3.27 2.99 -5.44
O2 GLC B . -6.10 -1.90 -5.69
O3 GLC B . -3.76 -1.76 -4.03
O4 GLC B . -3.17 0.74 -3.09
O5 GLC B . -4.96 1.53 -6.25
O6 GLC B . -4.03 4.11 -5.91
C1 GLC B . -2.07 1.48 -2.56
C2 GLC B . -1.31 0.63 -1.50
C3 GLC B . -2.24 0.33 -0.33
C4 GLC B . -2.73 1.64 0.26
C5 GLC B . -3.48 2.46 -0.80
C6 GLC B . -3.97 3.79 -0.25
O2 GLC B . -0.86 -0.59 -2.08
O3 GLC B . -1.54 -0.43 0.66
O4 GLC B . -3.59 1.37 1.33
O5 GLC B . -2.55 2.70 -1.95
O6 GLC B . -4.70 4.57 -1.18
C1 GLC B . -3.45 1.65 2.66
C2 GLC B . -3.82 0.39 3.44
C3 GLC B . -5.29 0.07 3.14
C4 GLC B . -6.18 1.26 3.61
C5 GLC B . -5.76 2.54 2.88
C6 GLC B . -6.47 3.79 3.40
O2 GLC B . -2.96 -0.68 3.03
O3 GLC B . -5.67 -1.11 3.85
O4 GLC B . -7.49 0.88 3.24
O5 GLC B . -4.33 2.74 3.07
O6 GLC B . -6.48 4.78 2.36
C1 GLC B . -8.52 0.71 4.18
C2 GLC B . -9.46 -0.42 3.71
C3 GLC B . -10.09 0.00 2.39
C4 GLC B . -10.89 1.33 2.50
C5 GLC B . -9.98 2.43 3.11
C6 GLC B . -10.67 3.70 3.56
O2 GLC B . -8.72 -1.64 3.56
O3 GLC B . -11.00 -0.96 1.84
O4 GLC B . -11.18 1.66 1.15
O5 GLC B . -9.30 1.94 4.30
O6 GLC B . -11.48 3.49 4.71
C1 GLC B . -12.27 2.43 0.68
C2 GLC B . -13.08 1.52 -0.28
C3 GLC B . -12.13 1.06 -1.38
C4 GLC B . -11.58 2.28 -2.10
C5 GLC B . -10.82 3.20 -1.12
C6 GLC B . -10.32 4.46 -1.84
O2 GLC B . -13.60 0.36 0.40
O3 GLC B . -12.85 0.23 -2.27
O4 GLC B . -10.66 1.82 -3.12
O5 GLC B . -11.75 3.61 -0.07
O6 GLC B . -9.46 5.23 -0.99
C1 GLC B . -10.89 1.80 -4.51
C2 GLC B . -10.57 0.37 -4.99
C3 GLC B . -9.11 0.03 -4.67
C4 GLC B . -8.23 1.02 -5.41
C5 GLC B . -8.57 2.47 -4.92
C6 GLC B . -7.78 3.54 -5.59
O2 GLC B . -11.45 -0.55 -4.34
O3 GLC B . -8.80 -1.29 -5.12
O4 GLC B . -6.85 0.76 -5.14
O5 GLC B . -9.99 2.76 -5.13
O6 GLC B . -8.13 3.62 -6.98
#